data_4NJT
#
_entry.id   4NJT
#
_cell.length_a   44.950
_cell.length_b   57.600
_cell.length_c   86.480
_cell.angle_alpha   90.00
_cell.angle_beta   90.02
_cell.angle_gamma   90.00
#
_symmetry.space_group_name_H-M   'P 1 21 1'
#
loop_
_entity.id
_entity.type
_entity.pdbx_description
1 polymer Protease
2 non-polymer (3R,3AS,6AR)-HEXAHYDROFURO[2,3-B]FURAN-3-YL(1S,2R)-3-[[(4-AMINOPHENYL)SULFONYL](ISOBUTYL)AMINO]-1-BENZYL-2-HYDROXYPROPYLCARBAMATE
3 water water
#
_entity_poly.entity_id   1
_entity_poly.type   'polypeptide(L)'
_entity_poly.pdbx_seq_one_letter_code
;PQITLWQRPIVTIKVGGQLKEALLDTGADDTVLEDMELPGRWKPRMIGGIGGFVKVRQYDQIPIEICGHKVIGTVLVGPT
PTNIIGRNLMTQLGFTLNF
;
_entity_poly.pdbx_strand_id   A,B,C,D
#
# COMPACT_ATOMS: atom_id res chain seq x y z
N PRO A 1 -0.29 1.93 0.78
CA PRO A 1 -1.13 3.00 1.32
C PRO A 1 -1.90 3.72 0.23
N GLN A 2 -2.86 4.54 0.63
CA GLN A 2 -3.63 5.33 -0.29
C GLN A 2 -3.49 6.82 0.02
N ILE A 3 -3.06 7.59 -0.97
CA ILE A 3 -2.84 9.03 -0.77
C ILE A 3 -3.99 9.85 -1.37
N THR A 4 -4.57 10.74 -0.56
CA THR A 4 -5.67 11.57 -1.02
C THR A 4 -5.18 12.63 -1.98
N LEU A 5 -6.09 13.24 -2.72
CA LEU A 5 -5.74 14.34 -3.60
C LEU A 5 -6.45 15.63 -3.19
N TRP A 6 -7.13 15.60 -2.04
CA TRP A 6 -7.69 16.84 -1.49
C TRP A 6 -6.57 17.85 -1.27
N GLN A 7 -5.38 17.36 -0.90
CA GLN A 7 -4.19 18.24 -0.81
C GLN A 7 -3.11 17.74 -1.75
N ARG A 8 -2.17 18.61 -2.10
CA ARG A 8 -1.00 18.19 -2.89
C ARG A 8 -0.37 16.94 -2.29
N PRO A 9 -0.13 15.89 -3.11
CA PRO A 9 0.45 14.66 -2.57
C PRO A 9 1.97 14.78 -2.45
N ILE A 10 2.39 15.36 -1.33
CA ILE A 10 3.81 15.57 -1.05
C ILE A 10 4.34 14.44 -0.16
N VAL A 11 5.55 13.96 -0.48
CA VAL A 11 6.17 12.90 0.29
C VAL A 11 7.63 13.26 0.52
N THR A 12 8.24 12.55 1.46
CA THR A 12 9.64 12.77 1.80
C THR A 12 10.48 11.89 0.90
N ILE A 13 11.55 12.43 0.35
CA ILE A 13 12.46 11.59 -0.40
C ILE A 13 13.86 11.72 0.17
N LYS A 14 14.70 10.71 -0.05
CA LYS A 14 16.12 10.88 0.24
C LYS A 14 16.88 10.75 -1.06
N VAL A 15 17.67 11.77 -1.39
CA VAL A 15 18.45 11.78 -2.62
C VAL A 15 19.73 12.57 -2.38
N GLY A 16 20.85 12.09 -2.94
CA GLY A 16 22.12 12.80 -2.84
C GLY A 16 22.56 13.07 -1.40
N GLY A 17 22.25 12.13 -0.52
CA GLY A 17 22.48 12.29 0.91
C GLY A 17 21.48 13.22 1.62
N GLN A 18 20.57 13.82 0.85
CA GLN A 18 19.71 14.87 1.41
C GLN A 18 18.22 14.50 1.48
N LEU A 19 17.57 14.88 2.58
CA LEU A 19 16.11 14.68 2.75
C LEU A 19 15.36 15.89 2.23
N LYS A 20 14.33 15.63 1.43
CA LYS A 20 13.59 16.70 0.79
C LYS A 20 12.10 16.34 0.73
N GLU A 21 11.26 17.32 0.42
CA GLU A 21 9.85 17.08 0.18
C GLU A 21 9.59 17.21 -1.31
N ALA A 22 8.77 16.31 -1.87
CA ALA A 22 8.53 16.33 -3.31
C ALA A 22 7.09 16.04 -3.66
N LEU A 23 6.67 16.56 -4.81
CA LEU A 23 5.31 16.41 -5.25
C LEU A 23 5.18 15.19 -6.13
N LEU A 24 4.28 14.28 -5.76
CA LEU A 24 3.98 13.12 -6.58
C LEU A 24 3.20 13.61 -7.79
N ASP A 25 3.79 13.50 -8.97
CA ASP A 25 3.23 14.24 -10.10
C ASP A 25 3.02 13.34 -11.31
N THR A 26 1.80 12.80 -11.44
CA THR A 26 1.47 11.95 -12.57
C THR A 26 1.59 12.73 -13.89
N GLY A 27 1.57 14.07 -13.80
CA GLY A 27 1.61 14.92 -14.97
C GLY A 27 3.03 15.17 -15.44
N ALA A 28 4.00 14.73 -14.63
CA ALA A 28 5.41 14.90 -14.95
C ALA A 28 6.05 13.61 -15.51
N ASP A 29 6.55 13.68 -16.76
CA ASP A 29 7.18 12.51 -17.35
C ASP A 29 8.39 12.09 -16.55
N ASP A 30 9.19 13.09 -16.17
CA ASP A 30 10.40 12.81 -15.43
C ASP A 30 10.48 13.60 -14.15
N THR A 31 11.29 13.07 -13.24
CA THR A 31 11.55 13.68 -11.95
C THR A 31 12.44 14.88 -12.14
N VAL A 32 12.01 16.01 -11.60
CA VAL A 32 12.85 17.20 -11.65
C VAL A 32 12.95 17.83 -10.28
N LEU A 33 14.18 18.03 -9.80
CA LEU A 33 14.39 18.57 -8.47
C LEU A 33 15.01 19.96 -8.57
N GLU A 34 14.84 20.74 -7.51
CA GLU A 34 15.42 22.08 -7.44
C GLU A 34 16.94 21.93 -7.47
N ASP A 35 17.61 22.95 -8.01
CA ASP A 35 19.05 22.90 -8.25
C ASP A 35 19.82 22.40 -7.06
N MET A 36 20.67 21.43 -7.33
CA MET A 36 21.50 20.77 -6.33
C MET A 36 22.59 20.07 -7.11
N GLU A 37 23.53 19.47 -6.41
CA GLU A 37 24.59 18.74 -7.07
C GLU A 37 24.35 17.23 -6.92
N LEU A 38 24.61 16.51 -7.99
CA LEU A 38 24.48 15.05 -8.00
C LEU A 38 25.74 14.49 -8.58
N PRO A 39 26.13 13.28 -8.16
CA PRO A 39 27.38 12.70 -8.66
C PRO A 39 27.25 12.14 -10.06
N GLY A 40 28.35 12.15 -10.81
CA GLY A 40 28.35 11.51 -12.10
C GLY A 40 28.20 12.50 -13.24
N ARG A 41 28.17 11.96 -14.45
CA ARG A 41 28.00 12.79 -15.64
C ARG A 41 26.56 13.27 -15.74
N TRP A 42 26.36 14.37 -16.47
CA TRP A 42 25.02 14.85 -16.74
C TRP A 42 24.96 15.44 -18.15
N LYS A 43 23.76 15.54 -18.70
CA LYS A 43 23.59 16.19 -19.99
C LYS A 43 22.51 17.26 -19.91
N PRO A 44 22.78 18.44 -20.51
CA PRO A 44 21.81 19.55 -20.51
C PRO A 44 20.54 19.20 -21.28
N ARG A 45 19.42 19.72 -20.81
CA ARG A 45 18.11 19.41 -21.37
C ARG A 45 17.16 20.58 -21.13
N MET A 46 16.10 20.67 -21.93
CA MET A 46 15.06 21.68 -21.74
C MET A 46 13.73 20.98 -21.52
N ILE A 47 13.03 21.33 -20.45
CA ILE A 47 11.70 20.75 -20.27
C ILE A 47 10.67 21.87 -20.31
N GLY A 48 9.53 21.59 -20.94
CA GLY A 48 8.53 22.61 -21.14
C GLY A 48 7.29 22.37 -20.34
N GLY A 49 6.69 23.44 -19.85
CA GLY A 49 5.47 23.34 -19.09
C GLY A 49 4.69 24.63 -19.15
N ILE A 50 3.81 24.82 -18.18
CA ILE A 50 2.93 25.96 -18.17
C ILE A 50 3.65 27.27 -18.47
N GLY A 51 4.67 27.62 -17.72
CA GLY A 51 5.26 28.94 -18.01
C GLY A 51 6.31 28.98 -19.13
N GLY A 52 6.45 27.90 -19.88
CA GLY A 52 7.54 27.84 -20.86
C GLY A 52 8.60 26.79 -20.51
N PHE A 53 9.82 26.98 -20.98
CA PHE A 53 10.87 25.99 -20.75
C PHE A 53 11.90 26.39 -19.71
N VAL A 54 12.47 25.40 -19.05
CA VAL A 54 13.60 25.64 -18.15
C VAL A 54 14.74 24.72 -18.54
N LYS A 55 15.96 25.21 -18.36
CA LYS A 55 17.13 24.42 -18.69
C LYS A 55 17.52 23.62 -17.45
N VAL A 56 17.65 22.29 -17.59
CA VAL A 56 18.00 21.44 -16.46
C VAL A 56 19.17 20.55 -16.84
N ARG A 57 19.79 19.95 -15.83
CA ARG A 57 20.82 18.95 -16.03
C ARG A 57 20.27 17.54 -15.77
N GLN A 58 20.53 16.63 -16.69
CA GLN A 58 20.00 15.29 -16.58
C GLN A 58 21.05 14.31 -16.01
N TYR A 59 20.80 13.77 -14.82
CA TYR A 59 21.65 12.70 -14.29
C TYR A 59 20.89 11.39 -14.44
N ASP A 60 21.57 10.37 -14.93
CA ASP A 60 20.92 9.06 -15.09
C ASP A 60 21.30 8.11 -13.96
N GLN A 61 20.52 7.05 -13.78
CA GLN A 61 20.77 6.06 -12.72
C GLN A 61 21.09 6.71 -11.37
N ILE A 62 20.16 7.52 -10.87
CA ILE A 62 20.36 8.15 -9.57
C ILE A 62 19.47 7.41 -8.57
N PRO A 63 20.08 6.91 -7.48
CA PRO A 63 19.32 6.20 -6.44
C PRO A 63 18.47 7.22 -5.68
N ILE A 64 17.18 6.95 -5.47
CA ILE A 64 16.34 7.80 -4.61
C ILE A 64 15.47 6.92 -3.69
N GLU A 65 15.38 7.31 -2.42
CA GLU A 65 14.41 6.71 -1.51
C GLU A 65 13.16 7.58 -1.53
N ILE A 66 12.03 6.97 -1.86
CA ILE A 66 10.72 7.61 -1.84
C ILE A 66 9.77 6.74 -1.03
N CYS A 67 9.09 7.32 -0.03
CA CYS A 67 8.15 6.55 0.79
C CYS A 67 8.80 5.29 1.35
N GLY A 68 10.02 5.45 1.85
CA GLY A 68 10.78 4.34 2.41
C GLY A 68 11.33 3.35 1.40
N HIS A 69 11.01 3.53 0.13
CA HIS A 69 11.43 2.55 -0.85
C HIS A 69 12.52 3.08 -1.76
N LYS A 70 13.52 2.25 -2.01
CA LYS A 70 14.66 2.65 -2.81
C LYS A 70 14.43 2.37 -4.30
N VAL A 71 14.50 3.40 -5.12
CA VAL A 71 14.36 3.24 -6.57
C VAL A 71 15.49 3.94 -7.29
N ILE A 72 15.61 3.68 -8.58
CA ILE A 72 16.63 4.32 -9.37
C ILE A 72 16.06 4.78 -10.71
N GLY A 73 16.62 5.86 -11.23
CA GLY A 73 16.20 6.36 -12.51
C GLY A 73 16.78 7.73 -12.79
N THR A 74 16.27 8.36 -13.84
CA THR A 74 16.74 9.68 -14.23
C THR A 74 16.20 10.76 -13.30
N VAL A 75 17.08 11.70 -12.94
CA VAL A 75 16.70 12.86 -12.16
C VAL A 75 17.17 14.10 -12.91
N LEU A 76 16.24 14.99 -13.21
CA LEU A 76 16.56 16.28 -13.84
C LEU A 76 16.72 17.27 -12.72
N VAL A 77 17.75 18.12 -12.80
CA VAL A 77 18.03 19.12 -11.78
C VAL A 77 18.05 20.52 -12.39
N GLY A 78 17.32 21.46 -11.81
CA GLY A 78 17.30 22.81 -12.36
C GLY A 78 16.39 23.75 -11.60
N PRO A 79 16.08 24.93 -12.19
CA PRO A 79 15.26 25.95 -11.57
C PRO A 79 13.75 25.70 -11.66
N THR A 80 13.31 24.54 -11.16
CA THR A 80 11.89 24.28 -10.97
C THR A 80 11.45 24.95 -9.66
N PRO A 81 10.20 25.44 -9.61
CA PRO A 81 9.73 26.09 -8.37
C PRO A 81 9.48 25.11 -7.24
N THR A 82 9.38 23.82 -7.55
CA THR A 82 9.23 22.81 -6.49
C THR A 82 9.79 21.46 -6.93
N ASN A 83 10.12 20.60 -5.98
CA ASN A 83 10.56 19.25 -6.32
C ASN A 83 9.39 18.36 -6.75
N ILE A 84 9.60 17.71 -7.89
CA ILE A 84 8.59 16.92 -8.56
C ILE A 84 9.11 15.50 -8.77
N ILE A 85 8.40 14.53 -8.21
CA ILE A 85 8.63 13.13 -8.54
C ILE A 85 7.76 12.78 -9.77
N GLY A 86 8.41 12.43 -10.88
CA GLY A 86 7.68 12.10 -12.10
C GLY A 86 7.32 10.63 -12.24
N ARG A 87 6.63 10.31 -13.33
CA ARG A 87 6.22 8.94 -13.60
C ARG A 87 7.39 7.96 -13.62
N ASN A 88 8.54 8.40 -14.13
CA ASN A 88 9.67 7.48 -14.25
C ASN A 88 10.06 6.82 -12.93
N LEU A 89 9.85 7.51 -11.82
CA LEU A 89 10.18 6.93 -10.52
C LEU A 89 8.94 6.36 -9.85
N MET A 90 7.78 6.97 -10.08
CA MET A 90 6.57 6.47 -9.44
C MET A 90 6.27 5.06 -9.87
N THR A 91 6.56 4.73 -11.13
CA THR A 91 6.29 3.36 -11.60
C THR A 91 7.05 2.34 -10.79
N GLN A 92 8.23 2.71 -10.31
CA GLN A 92 9.14 1.74 -9.71
C GLN A 92 8.66 1.35 -8.32
N LEU A 93 7.78 2.18 -7.75
CA LEU A 93 7.10 1.90 -6.48
C LEU A 93 5.74 1.24 -6.72
N GLY A 94 5.39 0.99 -7.98
CA GLY A 94 4.09 0.41 -8.28
C GLY A 94 2.95 1.37 -7.99
N PHE A 95 3.20 2.66 -8.16
CA PHE A 95 2.13 3.66 -8.00
C PHE A 95 1.08 3.58 -9.09
N THR A 96 -0.18 3.64 -8.68
CA THR A 96 -1.31 3.69 -9.62
C THR A 96 -2.32 4.79 -9.25
N LEU A 97 -3.05 5.27 -10.26
CA LEU A 97 -4.17 6.16 -10.01
C LEU A 97 -5.40 5.27 -9.97
N ASN A 98 -6.24 5.50 -8.95
CA ASN A 98 -7.42 4.66 -8.75
C ASN A 98 -8.65 5.50 -8.45
N PHE A 99 -9.76 5.08 -9.03
CA PHE A 99 -11.01 5.78 -8.80
C PHE A 99 -12.16 4.81 -8.93
N PRO B 1 -11.64 2.03 -11.40
CA PRO B 1 -10.56 1.40 -12.16
C PRO B 1 -9.16 1.81 -11.67
N GLN B 2 -8.16 1.17 -12.27
CA GLN B 2 -6.78 1.40 -11.89
C GLN B 2 -6.01 1.86 -13.12
N ILE B 3 -5.17 2.87 -12.96
CA ILE B 3 -4.40 3.38 -14.08
C ILE B 3 -2.92 3.39 -13.69
N THR B 4 -2.09 2.64 -14.41
CA THR B 4 -0.66 2.62 -14.12
C THR B 4 -0.02 3.81 -14.79
N LEU B 5 1.28 3.99 -14.61
CA LEU B 5 1.94 5.24 -15.01
C LEU B 5 3.16 5.05 -15.93
N TRP B 6 3.25 3.89 -16.59
CA TRP B 6 4.31 3.64 -17.57
C TRP B 6 4.16 4.53 -18.79
N GLN B 7 2.92 4.91 -19.09
CA GLN B 7 2.63 5.92 -20.10
C GLN B 7 1.85 7.04 -19.45
N ARG B 8 1.77 8.20 -20.10
CA ARG B 8 0.97 9.30 -19.57
C ARG B 8 -0.46 8.82 -19.37
N PRO B 9 -1.04 9.17 -18.21
CA PRO B 9 -2.43 8.82 -17.87
C PRO B 9 -3.39 9.77 -18.55
N ILE B 10 -3.62 9.51 -19.84
CA ILE B 10 -4.42 10.41 -20.67
C ILE B 10 -5.83 9.86 -20.75
N VAL B 11 -6.82 10.74 -20.59
CA VAL B 11 -8.21 10.33 -20.65
C VAL B 11 -8.95 11.21 -21.62
N THR B 12 -10.08 10.72 -22.08
CA THR B 12 -10.94 11.51 -22.94
C THR B 12 -11.84 12.38 -22.08
N ILE B 13 -11.92 13.67 -22.40
CA ILE B 13 -12.85 14.55 -21.70
C ILE B 13 -13.87 15.11 -22.69
N LYS B 14 -15.07 15.43 -22.21
CA LYS B 14 -16.03 16.16 -23.03
C LYS B 14 -16.39 17.47 -22.34
N VAL B 15 -15.97 18.58 -22.95
CA VAL B 15 -16.20 19.90 -22.37
C VAL B 15 -16.61 20.87 -23.47
N GLY B 16 -17.64 21.67 -23.21
CA GLY B 16 -18.09 22.64 -24.19
C GLY B 16 -18.52 21.96 -25.47
N GLY B 17 -19.09 20.76 -25.34
CA GLY B 17 -19.54 20.00 -26.49
C GLY B 17 -18.39 19.54 -27.39
N GLN B 18 -17.20 19.42 -26.80
CA GLN B 18 -16.03 19.03 -27.58
C GLN B 18 -15.35 17.82 -26.94
N LEU B 19 -15.01 16.83 -27.76
CA LEU B 19 -14.26 15.66 -27.30
C LEU B 19 -12.75 15.94 -27.36
N LYS B 20 -12.08 15.91 -26.22
CA LYS B 20 -10.65 16.16 -26.19
C LYS B 20 -9.91 15.14 -25.34
N GLU B 21 -8.59 15.14 -25.41
CA GLU B 21 -7.78 14.33 -24.49
C GLU B 21 -7.07 15.24 -23.50
N ALA B 22 -6.79 14.71 -22.31
CA ALA B 22 -6.22 15.51 -21.25
C ALA B 22 -5.41 14.64 -20.30
N LEU B 23 -4.37 15.23 -19.70
CA LEU B 23 -3.48 14.52 -18.78
C LEU B 23 -4.04 14.54 -17.33
N LEU B 24 -4.13 13.36 -16.69
CA LEU B 24 -4.47 13.31 -15.28
C LEU B 24 -3.23 13.74 -14.52
N ASP B 25 -3.32 14.86 -13.81
CA ASP B 25 -2.12 15.55 -13.34
C ASP B 25 -2.22 15.89 -11.86
N THR B 26 -1.70 14.99 -11.03
CA THR B 26 -1.73 15.15 -9.58
C THR B 26 -0.85 16.31 -9.12
N GLY B 27 0.05 16.76 -10.00
CA GLY B 27 0.93 17.87 -9.65
C GLY B 27 0.27 19.21 -9.95
N ALA B 28 -0.94 19.16 -10.50
CA ALA B 28 -1.67 20.39 -10.81
C ALA B 28 -2.82 20.61 -9.82
N ASP B 29 -2.83 21.78 -9.17
CA ASP B 29 -3.94 22.10 -8.28
C ASP B 29 -5.19 22.30 -9.14
N ASP B 30 -4.98 22.89 -10.31
CA ASP B 30 -6.06 23.43 -11.13
C ASP B 30 -6.09 22.73 -12.45
N THR B 31 -7.26 22.75 -13.09
CA THR B 31 -7.42 22.15 -14.41
C THR B 31 -7.15 23.23 -15.43
N VAL B 32 -6.28 22.95 -16.40
CA VAL B 32 -5.91 23.97 -17.39
C VAL B 32 -6.11 23.40 -18.78
N LEU B 33 -6.92 24.08 -19.58
CA LEU B 33 -7.21 23.60 -20.93
C LEU B 33 -6.65 24.57 -21.94
N GLU B 34 -6.22 24.03 -23.08
CA GLU B 34 -5.78 24.87 -24.21
C GLU B 34 -6.93 25.76 -24.66
N ASP B 35 -6.64 26.82 -25.41
CA ASP B 35 -7.69 27.79 -25.75
C ASP B 35 -8.94 27.16 -26.38
N MET B 36 -10.10 27.60 -25.94
CA MET B 36 -11.33 27.08 -26.50
C MET B 36 -12.43 28.00 -26.06
N GLU B 37 -13.63 27.79 -26.60
CA GLU B 37 -14.73 28.63 -26.22
C GLU B 37 -15.50 27.93 -25.12
N LEU B 38 -15.77 28.68 -24.06
CA LEU B 38 -16.57 28.22 -22.96
C LEU B 38 -17.63 29.29 -22.72
N PRO B 39 -18.77 28.92 -22.12
CA PRO B 39 -19.83 29.90 -21.90
C PRO B 39 -19.57 30.78 -20.68
N GLY B 40 -20.34 31.87 -20.55
CA GLY B 40 -20.34 32.63 -19.33
C GLY B 40 -19.21 33.64 -19.26
N ARG B 41 -19.04 34.24 -18.09
CA ARG B 41 -17.97 35.22 -17.93
C ARG B 41 -16.70 34.56 -17.42
N TRP B 42 -15.55 35.15 -17.71
CA TRP B 42 -14.33 34.67 -17.07
C TRP B 42 -13.72 35.73 -16.19
N LYS B 43 -12.84 35.29 -15.30
CA LYS B 43 -12.08 36.22 -14.48
C LYS B 43 -10.57 35.95 -14.64
N PRO B 44 -9.73 36.97 -14.38
CA PRO B 44 -8.29 36.77 -14.57
C PRO B 44 -7.68 35.92 -13.44
N ARG B 45 -6.70 35.11 -13.82
CA ARG B 45 -6.05 34.24 -12.88
C ARG B 45 -4.61 34.11 -13.35
N MET B 46 -3.68 34.07 -12.40
CA MET B 46 -2.27 33.89 -12.73
C MET B 46 -1.83 32.57 -12.12
N ILE B 47 -1.25 31.69 -12.92
CA ILE B 47 -0.75 30.42 -12.38
C ILE B 47 0.74 30.28 -12.63
N GLY B 48 1.40 29.62 -11.69
CA GLY B 48 2.84 29.44 -11.75
C GLY B 48 3.16 28.03 -12.16
N GLY B 49 3.73 27.87 -13.34
CA GLY B 49 4.13 26.56 -13.80
C GLY B 49 5.62 26.43 -13.68
N ILE B 50 6.16 25.37 -14.26
CA ILE B 50 7.59 25.17 -14.22
C ILE B 50 8.37 26.31 -14.92
N GLY B 51 7.77 26.91 -15.94
CA GLY B 51 8.47 27.94 -16.70
C GLY B 51 8.23 29.35 -16.20
N GLY B 52 7.41 29.49 -15.17
CA GLY B 52 7.07 30.81 -14.66
C GLY B 52 5.57 31.05 -14.64
N PHE B 53 5.16 32.31 -14.54
CA PHE B 53 3.75 32.64 -14.33
C PHE B 53 3.04 33.02 -15.62
N VAL B 54 1.79 32.56 -15.75
CA VAL B 54 0.97 32.76 -16.95
C VAL B 54 -0.41 33.32 -16.60
N LYS B 55 -0.88 34.30 -17.38
CA LYS B 55 -2.26 34.77 -17.27
C LYS B 55 -3.17 33.81 -18.00
N VAL B 56 -4.18 33.31 -17.30
CA VAL B 56 -5.14 32.41 -17.92
C VAL B 56 -6.53 32.94 -17.66
N ARG B 57 -7.51 32.35 -18.33
CA ARG B 57 -8.91 32.70 -18.18
C ARG B 57 -9.60 31.73 -17.21
N GLN B 58 -10.14 32.26 -16.11
CA GLN B 58 -10.82 31.41 -15.16
C GLN B 58 -12.32 31.36 -15.40
N TYR B 59 -12.83 30.20 -15.80
CA TYR B 59 -14.26 29.94 -15.91
C TYR B 59 -14.71 29.05 -14.76
N ASP B 60 -15.75 29.46 -14.06
CA ASP B 60 -16.23 28.68 -12.92
C ASP B 60 -17.46 27.87 -13.28
N GLN B 61 -17.73 26.84 -12.50
CA GLN B 61 -18.92 26.00 -12.68
C GLN B 61 -19.09 25.49 -14.11
N ILE B 62 -18.05 24.88 -14.67
CA ILE B 62 -18.09 24.32 -16.01
C ILE B 62 -18.30 22.80 -15.95
N PRO B 63 -19.32 22.30 -16.66
CA PRO B 63 -19.61 20.86 -16.74
C PRO B 63 -18.58 20.16 -17.61
N ILE B 64 -17.95 19.09 -17.13
CA ILE B 64 -17.06 18.27 -17.95
C ILE B 64 -17.37 16.80 -17.74
N GLU B 65 -17.39 16.03 -18.82
CA GLU B 65 -17.57 14.59 -18.72
C GLU B 65 -16.18 13.95 -18.76
N ILE B 66 -15.80 13.23 -17.71
CA ILE B 66 -14.47 12.60 -17.64
C ILE B 66 -14.59 11.19 -17.11
N CYS B 67 -14.07 10.23 -17.87
CA CYS B 67 -14.07 8.82 -17.45
C CYS B 67 -15.47 8.32 -17.12
N GLY B 68 -16.46 8.82 -17.85
CA GLY B 68 -17.82 8.36 -17.65
C GLY B 68 -18.53 9.04 -16.49
N HIS B 69 -17.95 10.14 -15.99
CA HIS B 69 -18.54 10.90 -14.90
C HIS B 69 -18.66 12.38 -15.20
N LYS B 70 -19.77 12.99 -14.81
CA LYS B 70 -19.89 14.43 -14.96
C LYS B 70 -19.30 15.12 -13.74
N VAL B 71 -18.33 15.98 -13.96
CA VAL B 71 -17.88 16.86 -12.89
C VAL B 71 -18.25 18.30 -13.27
N ILE B 72 -18.29 19.19 -12.28
CA ILE B 72 -18.60 20.60 -12.55
C ILE B 72 -17.71 21.47 -11.69
N GLY B 73 -16.96 22.37 -12.33
CA GLY B 73 -16.04 23.16 -11.56
C GLY B 73 -15.23 24.13 -12.36
N THR B 74 -14.16 24.61 -11.74
CA THR B 74 -13.34 25.66 -12.32
C THR B 74 -12.40 25.09 -13.35
N VAL B 75 -12.44 25.70 -14.53
CA VAL B 75 -11.59 25.35 -15.64
C VAL B 75 -10.81 26.59 -16.01
N LEU B 76 -9.49 26.48 -16.02
CA LEU B 76 -8.64 27.59 -16.45
C LEU B 76 -8.32 27.37 -17.91
N VAL B 77 -8.41 28.45 -18.71
CA VAL B 77 -8.08 28.36 -20.14
C VAL B 77 -6.88 29.25 -20.45
N GLY B 78 -5.95 28.75 -21.26
CA GLY B 78 -4.68 29.43 -21.40
C GLY B 78 -3.65 28.62 -22.15
N PRO B 79 -2.49 29.23 -22.43
CA PRO B 79 -1.52 28.54 -23.27
C PRO B 79 -0.77 27.49 -22.44
N THR B 80 -1.09 26.23 -22.69
CA THR B 80 -0.49 25.14 -21.96
C THR B 80 -0.03 24.09 -22.98
N PRO B 81 1.11 23.42 -22.72
CA PRO B 81 1.60 22.36 -23.60
C PRO B 81 0.55 21.26 -23.84
N THR B 82 -0.33 21.05 -22.87
CA THR B 82 -1.35 20.01 -22.99
C THR B 82 -2.49 20.27 -22.00
N ASN B 83 -3.68 19.77 -22.33
CA ASN B 83 -4.79 19.88 -21.41
C ASN B 83 -4.43 19.10 -20.17
N ILE B 84 -4.69 19.67 -19.01
CA ILE B 84 -4.36 18.99 -17.76
C ILE B 84 -5.55 19.03 -16.82
N ILE B 85 -5.88 17.88 -16.28
CA ILE B 85 -6.96 17.78 -15.33
C ILE B 85 -6.27 17.79 -14.00
N GLY B 86 -6.52 18.84 -13.20
CA GLY B 86 -5.83 19.00 -11.93
C GLY B 86 -6.63 18.41 -10.79
N ARG B 87 -6.13 18.60 -9.58
CA ARG B 87 -6.71 17.97 -8.39
C ARG B 87 -8.13 18.46 -8.11
N ASN B 88 -8.47 19.69 -8.54
CA ASN B 88 -9.82 20.19 -8.31
C ASN B 88 -10.87 19.29 -8.97
N LEU B 89 -10.55 18.70 -10.12
CA LEU B 89 -11.53 17.82 -10.77
C LEU B 89 -11.26 16.33 -10.48
N MET B 90 -9.99 15.97 -10.27
CA MET B 90 -9.69 14.58 -9.94
C MET B 90 -10.34 14.19 -8.62
N THR B 91 -10.37 15.12 -7.66
CA THR B 91 -11.08 14.84 -6.40
C THR B 91 -12.58 14.62 -6.62
N GLN B 92 -13.20 15.41 -7.51
CA GLN B 92 -14.60 15.18 -7.86
C GLN B 92 -14.83 13.76 -8.38
N LEU B 93 -13.79 13.19 -8.99
CA LEU B 93 -13.85 11.83 -9.49
C LEU B 93 -13.49 10.77 -8.45
N GLY B 94 -12.94 11.19 -7.31
CA GLY B 94 -12.60 10.23 -6.27
C GLY B 94 -11.26 9.57 -6.53
N PHE B 95 -10.42 10.22 -7.34
CA PHE B 95 -9.07 9.72 -7.58
C PHE B 95 -8.23 9.71 -6.31
N THR B 96 -7.44 8.66 -6.15
CA THR B 96 -6.38 8.62 -5.16
C THR B 96 -5.13 8.04 -5.81
N LEU B 97 -3.99 8.24 -5.14
CA LEU B 97 -2.75 7.59 -5.49
C LEU B 97 -2.58 6.40 -4.55
N ASN B 98 -2.08 5.28 -5.08
CA ASN B 98 -2.02 4.03 -4.31
C ASN B 98 -0.75 3.28 -4.55
N PHE B 99 -0.12 2.82 -3.48
CA PHE B 99 0.98 1.91 -3.65
C PHE B 99 1.01 0.86 -2.56
N PRO C 1 1.29 -1.62 -0.36
CA PRO C 1 1.75 -2.83 -1.07
C PRO C 1 0.82 -3.99 -0.79
N GLN C 2 1.05 -5.07 -1.53
CA GLN C 2 0.32 -6.31 -1.38
C GLN C 2 1.32 -7.43 -1.17
N ILE C 3 1.21 -8.13 -0.06
CA ILE C 3 2.13 -9.23 0.16
C ILE C 3 1.45 -10.61 -0.02
N THR C 4 2.12 -11.49 -0.75
CA THR C 4 1.54 -12.77 -1.13
C THR C 4 1.51 -13.69 0.08
N LEU C 5 0.73 -14.77 -0.01
CA LEU C 5 0.76 -15.82 1.01
C LEU C 5 1.32 -17.16 0.52
N TRP C 6 1.91 -17.18 -0.68
CA TRP C 6 2.58 -18.40 -1.15
C TRP C 6 3.72 -18.75 -0.21
N GLN C 7 4.30 -17.73 0.43
CA GLN C 7 5.32 -17.95 1.45
C GLN C 7 4.90 -17.25 2.74
N ARG C 8 5.51 -17.66 3.85
CA ARG C 8 5.32 -16.98 5.12
C ARG C 8 5.54 -15.48 4.93
N PRO C 9 4.56 -14.64 5.35
CA PRO C 9 4.67 -13.19 5.22
C PRO C 9 5.61 -12.60 6.26
N ILE C 10 6.91 -12.59 5.97
CA ILE C 10 7.89 -12.11 6.93
C ILE C 10 8.32 -10.67 6.59
N VAL C 11 8.48 -9.84 7.61
CA VAL C 11 8.87 -8.45 7.39
C VAL C 11 9.94 -8.06 8.39
N THR C 12 10.59 -6.92 8.15
CA THR C 12 11.61 -6.43 9.06
C THR C 12 10.95 -5.49 10.02
N ILE C 13 11.29 -5.62 11.30
CA ILE C 13 10.81 -4.67 12.29
C ILE C 13 12.01 -4.08 13.02
N LYS C 14 11.81 -2.90 13.58
CA LYS C 14 12.81 -2.33 14.49
C LYS C 14 12.15 -2.19 15.85
N VAL C 15 12.73 -2.86 16.85
CA VAL C 15 12.17 -2.81 18.20
C VAL C 15 13.27 -2.83 19.24
N GLY C 16 13.17 -1.93 20.22
CA GLY C 16 14.15 -1.87 21.29
C GLY C 16 15.54 -1.65 20.76
N GLY C 17 15.63 -0.83 19.71
CA GLY C 17 16.90 -0.58 19.04
C GLY C 17 17.43 -1.77 18.24
N GLN C 18 16.66 -2.84 18.14
CA GLN C 18 17.14 -4.04 17.46
C GLN C 18 16.37 -4.34 16.17
N LEU C 19 17.10 -4.71 15.11
CA LEU C 19 16.44 -5.07 13.86
C LEU C 19 16.18 -6.58 13.82
N LYS C 20 14.98 -6.96 13.39
CA LYS C 20 14.70 -8.39 13.28
C LYS C 20 13.58 -8.73 12.31
N GLU C 21 13.47 -10.02 12.01
CA GLU C 21 12.43 -10.51 11.10
C GLU C 21 11.26 -11.01 11.92
N ALA C 22 10.04 -10.69 11.48
CA ALA C 22 8.85 -11.15 12.20
C ALA C 22 7.76 -11.54 11.22
N LEU C 23 6.92 -12.47 11.67
CA LEU C 23 5.84 -13.04 10.87
C LEU C 23 4.56 -12.27 11.02
N LEU C 24 3.99 -11.80 9.90
CA LEU C 24 2.70 -11.10 9.95
C LEU C 24 1.61 -12.13 10.20
N ASP C 25 0.97 -12.08 11.37
CA ASP C 25 0.19 -13.22 11.80
C ASP C 25 -1.20 -12.80 12.21
N THR C 26 -2.15 -12.93 11.28
CA THR C 26 -3.53 -12.59 11.52
C THR C 26 -4.16 -13.53 12.56
N GLY C 27 -3.48 -14.65 12.82
CA GLY C 27 -3.96 -15.64 13.78
C GLY C 27 -3.57 -15.33 15.20
N ALA C 28 -2.70 -14.32 15.37
CA ALA C 28 -2.21 -13.90 16.68
C ALA C 28 -2.91 -12.64 17.18
N ASP C 29 -3.56 -12.72 18.34
CA ASP C 29 -4.20 -11.54 18.91
C ASP C 29 -3.15 -10.48 19.23
N ASP C 30 -2.04 -10.93 19.80
CA ASP C 30 -1.02 -10.02 20.27
C ASP C 30 0.34 -10.40 19.73
N THR C 31 1.21 -9.40 19.61
CA THR C 31 2.58 -9.57 19.13
C THR C 31 3.41 -10.30 20.17
N VAL C 32 4.12 -11.34 19.73
CA VAL C 32 5.01 -12.07 20.64
C VAL C 32 6.39 -12.18 20.03
N LEU C 33 7.39 -11.66 20.72
CA LEU C 33 8.76 -11.75 20.24
C LEU C 33 9.60 -12.74 21.08
N GLU C 34 10.62 -13.28 20.43
CA GLU C 34 11.56 -14.16 21.12
C GLU C 34 12.22 -13.41 22.26
N ASP C 35 12.55 -14.12 23.32
CA ASP C 35 13.08 -13.52 24.54
C ASP C 35 14.14 -12.43 24.31
N MET C 36 13.89 -11.29 24.93
CA MET C 36 14.70 -10.10 24.78
C MET C 36 14.35 -9.14 25.90
N GLU C 37 15.10 -8.07 26.00
CA GLU C 37 14.88 -7.07 27.04
C GLU C 37 14.13 -5.90 26.44
N LEU C 38 13.15 -5.39 27.17
CA LEU C 38 12.46 -4.17 26.77
C LEU C 38 12.39 -3.25 27.98
N PRO C 39 12.33 -1.94 27.73
CA PRO C 39 12.37 -0.99 28.83
C PRO C 39 11.01 -0.89 29.51
N GLY C 40 11.02 -0.54 30.78
CA GLY C 40 9.77 -0.26 31.46
C GLY C 40 9.22 -1.43 32.26
N ARG C 41 8.02 -1.24 32.79
CA ARG C 41 7.35 -2.26 33.58
C ARG C 41 6.81 -3.37 32.68
N TRP C 42 6.74 -4.58 33.22
CA TRP C 42 6.07 -5.67 32.53
C TRP C 42 5.24 -6.52 33.49
N LYS C 43 4.44 -7.39 32.90
CA LYS C 43 3.48 -8.15 33.65
C LYS C 43 3.52 -9.59 33.14
N PRO C 44 3.65 -10.57 34.05
CA PRO C 44 3.66 -11.97 33.60
C PRO C 44 2.31 -12.40 33.01
N ARG C 45 2.38 -13.24 31.99
CA ARG C 45 1.19 -13.67 31.26
C ARG C 45 1.41 -15.05 30.62
N MET C 46 0.32 -15.81 30.43
CA MET C 46 0.39 -17.09 29.74
C MET C 46 -0.32 -17.00 28.39
N ILE C 47 0.37 -17.42 27.35
CA ILE C 47 -0.16 -17.39 26.00
C ILE C 47 -0.35 -18.82 25.50
N GLY C 48 -1.47 -19.09 24.85
CA GLY C 48 -1.79 -20.46 24.51
C GLY C 48 -1.93 -20.69 23.03
N GLY C 49 -1.38 -21.82 22.55
CA GLY C 49 -1.54 -22.17 21.16
C GLY C 49 -1.42 -23.66 20.95
N ILE C 50 -1.09 -24.05 19.73
CA ILE C 50 -1.07 -25.45 19.36
C ILE C 50 -0.23 -26.36 20.26
N GLY C 51 0.98 -25.97 20.63
CA GLY C 51 1.73 -26.84 21.54
C GLY C 51 1.37 -26.70 23.03
N GLY C 52 0.37 -25.90 23.36
CA GLY C 52 0.12 -25.63 24.77
C GLY C 52 0.46 -24.19 25.13
N PHE C 53 0.77 -23.91 26.39
CA PHE C 53 1.00 -22.53 26.80
C PHE C 53 2.46 -22.17 27.00
N VAL C 54 2.76 -20.89 26.83
CA VAL C 54 4.10 -20.34 27.01
C VAL C 54 4.01 -19.14 27.95
N LYS C 55 4.92 -19.05 28.91
CA LYS C 55 4.92 -17.93 29.84
C LYS C 55 5.70 -16.78 29.22
N VAL C 56 5.10 -15.59 29.18
CA VAL C 56 5.73 -14.44 28.57
C VAL C 56 5.63 -13.21 29.46
N ARG C 57 6.43 -12.21 29.15
CA ARG C 57 6.34 -10.93 29.84
C ARG C 57 5.65 -9.92 28.95
N GLN C 58 4.67 -9.22 29.50
CA GLN C 58 3.91 -8.27 28.72
C GLN C 58 4.41 -6.85 28.96
N TYR C 59 4.94 -6.23 27.91
CA TYR C 59 5.29 -4.82 27.93
C TYR C 59 4.25 -4.01 27.17
N ASP C 60 3.79 -2.91 27.77
CA ASP C 60 2.77 -2.10 27.13
C ASP C 60 3.38 -0.84 26.55
N GLN C 61 2.66 -0.24 25.61
CA GLN C 61 3.12 0.99 24.96
C GLN C 61 4.57 0.90 24.49
N ILE C 62 4.85 -0.14 23.70
CA ILE C 62 6.18 -0.29 23.15
C ILE C 62 6.19 0.23 21.71
N PRO C 63 7.09 1.17 21.39
CA PRO C 63 7.12 1.63 19.99
C PRO C 63 7.81 0.58 19.12
N ILE C 64 7.18 0.22 18.01
CA ILE C 64 7.79 -0.71 17.05
C ILE C 64 7.66 -0.12 15.66
N GLU C 65 8.73 -0.21 14.90
CA GLU C 65 8.70 0.17 13.50
C GLU C 65 8.51 -1.09 12.65
N ILE C 66 7.45 -1.11 11.85
CA ILE C 66 7.12 -2.24 10.98
C ILE C 66 6.90 -1.75 9.57
N CYS C 67 7.63 -2.27 8.61
CA CYS C 67 7.44 -1.91 7.20
C CYS C 67 7.56 -0.40 7.02
N GLY C 68 8.56 0.18 7.67
CA GLY C 68 8.79 1.61 7.57
C GLY C 68 7.69 2.47 8.15
N HIS C 69 6.98 1.96 9.15
CA HIS C 69 6.00 2.79 9.84
C HIS C 69 6.10 2.58 11.33
N LYS C 70 6.14 3.67 12.08
CA LYS C 70 6.22 3.60 13.52
C LYS C 70 4.84 3.37 14.11
N VAL C 71 4.68 2.33 14.92
CA VAL C 71 3.42 2.08 15.63
C VAL C 71 3.74 1.78 17.08
N ILE C 72 2.72 1.75 17.91
CA ILE C 72 2.91 1.49 19.33
C ILE C 72 1.85 0.52 19.84
N GLY C 73 2.21 -0.31 20.81
CA GLY C 73 1.25 -1.24 21.38
C GLY C 73 1.87 -2.27 22.29
N THR C 74 1.07 -3.24 22.71
CA THR C 74 1.57 -4.26 23.61
C THR C 74 2.50 -5.22 22.89
N VAL C 75 3.62 -5.53 23.55
CA VAL C 75 4.56 -6.52 23.04
C VAL C 75 4.83 -7.56 24.13
N LEU C 76 4.43 -8.81 23.86
CA LEU C 76 4.69 -9.94 24.78
C LEU C 76 6.05 -10.49 24.40
N VAL C 77 6.88 -10.78 25.41
CA VAL C 77 8.19 -11.38 25.14
C VAL C 77 8.37 -12.72 25.89
N GLY C 78 8.86 -13.72 25.18
CA GLY C 78 9.04 -15.02 25.80
C GLY C 78 9.59 -16.05 24.86
N PRO C 79 9.57 -17.31 25.27
CA PRO C 79 10.14 -18.42 24.51
C PRO C 79 9.25 -18.89 23.35
N THR C 80 8.91 -17.99 22.44
CA THR C 80 8.25 -18.34 21.19
C THR C 80 9.26 -18.82 20.16
N PRO C 81 8.89 -19.81 19.34
CA PRO C 81 9.89 -20.28 18.37
C PRO C 81 10.14 -19.30 17.21
N THR C 82 9.35 -18.23 17.09
CA THR C 82 9.56 -17.24 16.05
C THR C 82 8.94 -15.90 16.43
N ASN C 83 9.44 -14.81 15.87
CA ASN C 83 8.83 -13.51 16.10
C ASN C 83 7.51 -13.38 15.35
N ILE C 84 6.47 -13.05 16.10
CA ILE C 84 5.13 -12.91 15.56
C ILE C 84 4.57 -11.51 15.74
N ILE C 85 4.18 -10.88 14.63
CA ILE C 85 3.46 -9.61 14.71
C ILE C 85 1.98 -9.92 14.70
N GLY C 86 1.28 -9.63 15.80
CA GLY C 86 -0.13 -9.95 15.91
C GLY C 86 -1.06 -8.84 15.43
N ARG C 87 -2.36 -9.09 15.50
CA ARG C 87 -3.36 -8.13 15.05
C ARG C 87 -3.25 -6.77 15.77
N ASN C 88 -2.75 -6.76 17.00
CA ASN C 88 -2.74 -5.49 17.75
C ASN C 88 -1.82 -4.42 17.14
N LEU C 89 -0.80 -4.86 16.42
CA LEU C 89 0.08 -3.93 15.71
C LEU C 89 -0.30 -3.80 14.24
N MET C 90 -0.70 -4.90 13.62
CA MET C 90 -1.13 -4.86 12.21
C MET C 90 -2.27 -3.90 11.93
N THR C 91 -3.19 -3.75 12.87
CA THR C 91 -4.27 -2.79 12.66
C THR C 91 -3.71 -1.39 12.54
N GLN C 92 -2.62 -1.10 13.26
CA GLN C 92 -2.11 0.26 13.33
C GLN C 92 -1.50 0.70 12.03
N LEU C 93 -1.18 -0.27 11.16
CA LEU C 93 -0.69 0.00 9.79
C LEU C 93 -1.81 -0.10 8.75
N GLY C 94 -3.03 -0.37 9.18
CA GLY C 94 -4.13 -0.53 8.25
C GLY C 94 -4.03 -1.80 7.42
N PHE C 95 -3.33 -2.81 7.94
CA PHE C 95 -3.33 -4.11 7.28
C PHE C 95 -4.73 -4.71 7.15
N THR C 96 -5.07 -5.14 5.94
CA THR C 96 -6.30 -5.91 5.71
C THR C 96 -5.99 -7.21 4.98
N LEU C 97 -6.82 -8.23 5.23
CA LEU C 97 -6.80 -9.43 4.40
C LEU C 97 -7.77 -9.21 3.24
N ASN C 98 -7.32 -9.52 2.03
CA ASN C 98 -8.10 -9.28 0.81
C ASN C 98 -8.15 -10.49 -0.12
N PHE C 99 -9.34 -10.76 -0.64
CA PHE C 99 -9.52 -11.84 -1.62
C PHE C 99 -10.56 -11.49 -2.67
N PRO D 1 -13.37 -9.37 -1.45
CA PRO D 1 -13.75 -8.63 -0.24
C PRO D 1 -12.54 -8.23 0.62
N GLN D 2 -12.76 -7.38 1.60
CA GLN D 2 -11.68 -6.87 2.43
C GLN D 2 -11.96 -7.09 3.93
N ILE D 3 -10.99 -7.65 4.66
CA ILE D 3 -11.20 -7.98 6.06
C ILE D 3 -10.16 -7.27 6.95
N THR D 4 -10.65 -6.46 7.89
CA THR D 4 -9.78 -5.68 8.78
C THR D 4 -9.43 -6.56 9.96
N LEU D 5 -8.56 -6.09 10.85
CA LEU D 5 -8.05 -6.99 11.88
C LEU D 5 -8.32 -6.55 13.32
N TRP D 6 -9.26 -5.63 13.51
CA TRP D 6 -9.63 -5.19 14.86
C TRP D 6 -10.22 -6.35 15.65
N GLN D 7 -10.88 -7.26 14.93
CA GLN D 7 -11.50 -8.45 15.50
C GLN D 7 -10.74 -9.68 14.93
N ARG D 8 -10.73 -10.82 15.62
CA ARG D 8 -10.20 -12.05 15.00
C ARG D 8 -10.95 -12.24 13.66
N PRO D 9 -10.22 -12.59 12.59
CA PRO D 9 -10.88 -12.78 11.29
C PRO D 9 -11.45 -14.18 11.15
N ILE D 10 -12.62 -14.39 11.75
CA ILE D 10 -13.27 -15.69 11.78
C ILE D 10 -14.12 -15.80 10.53
N VAL D 11 -14.10 -16.95 9.86
CA VAL D 11 -15.04 -17.19 8.79
C VAL D 11 -15.78 -18.48 9.04
N THR D 12 -16.88 -18.67 8.36
CA THR D 12 -17.59 -19.93 8.45
C THR D 12 -17.01 -20.88 7.42
N ILE D 13 -16.75 -22.12 7.82
CA ILE D 13 -16.39 -23.13 6.85
C ILE D 13 -17.36 -24.30 6.91
N LYS D 14 -17.38 -25.06 5.82
CA LYS D 14 -18.18 -26.27 5.77
C LYS D 14 -17.25 -27.40 5.37
N VAL D 15 -17.01 -28.33 6.29
CA VAL D 15 -16.09 -29.42 6.03
C VAL D 15 -16.68 -30.71 6.61
N GLY D 16 -16.61 -31.79 5.84
CA GLY D 16 -17.20 -33.05 6.23
C GLY D 16 -18.69 -32.89 6.50
N GLY D 17 -19.36 -32.06 5.70
CA GLY D 17 -20.77 -31.82 5.89
C GLY D 17 -21.06 -31.23 7.27
N GLN D 18 -20.17 -30.36 7.73
CA GLN D 18 -20.34 -29.70 9.02
C GLN D 18 -20.02 -28.22 8.92
N LEU D 19 -20.94 -27.37 9.39
CA LEU D 19 -20.69 -25.93 9.51
C LEU D 19 -19.83 -25.63 10.72
N LYS D 20 -18.68 -25.02 10.50
CA LYS D 20 -17.78 -24.66 11.60
C LYS D 20 -17.22 -23.25 11.42
N GLU D 21 -16.73 -22.66 12.51
CA GLU D 21 -16.01 -21.39 12.43
C GLU D 21 -14.50 -21.60 12.57
N ALA D 22 -13.72 -20.83 11.81
CA ALA D 22 -12.27 -21.01 11.77
C ALA D 22 -11.54 -19.67 11.62
N LEU D 23 -10.34 -19.62 12.17
CA LEU D 23 -9.54 -18.39 12.15
C LEU D 23 -8.67 -18.31 10.89
N LEU D 24 -8.77 -17.22 10.14
CA LEU D 24 -7.87 -17.02 8.99
C LEU D 24 -6.52 -16.64 9.56
N ASP D 25 -5.52 -17.47 9.29
CA ASP D 25 -4.31 -17.47 10.08
C ASP D 25 -3.09 -17.44 9.19
N THR D 26 -2.63 -16.22 8.87
CA THR D 26 -1.46 -16.05 8.01
C THR D 26 -0.19 -16.55 8.64
N GLY D 27 -0.21 -16.75 9.96
CA GLY D 27 0.96 -17.26 10.66
C GLY D 27 1.04 -18.78 10.61
N ALA D 28 0.03 -19.41 10.02
CA ALA D 28 -0.04 -20.87 9.93
C ALA D 28 0.24 -21.38 8.52
N ASP D 29 1.30 -22.17 8.36
CA ASP D 29 1.55 -22.79 7.06
C ASP D 29 0.40 -23.71 6.67
N ASP D 30 -0.13 -24.42 7.67
CA ASP D 30 -1.07 -25.50 7.44
C ASP D 30 -2.41 -25.23 8.08
N THR D 31 -3.47 -25.82 7.52
CA THR D 31 -4.79 -25.71 8.13
C THR D 31 -4.90 -26.77 9.21
N VAL D 32 -5.38 -26.38 10.40
CA VAL D 32 -5.44 -27.31 11.54
C VAL D 32 -6.83 -27.21 12.15
N LEU D 33 -7.55 -28.34 12.19
CA LEU D 33 -8.92 -28.32 12.68
C LEU D 33 -9.01 -29.16 13.93
N GLU D 34 -9.89 -28.77 14.85
CA GLU D 34 -10.18 -29.58 16.03
C GLU D 34 -10.67 -30.98 15.64
N ASP D 35 -10.54 -31.95 16.54
CA ASP D 35 -10.91 -33.33 16.22
C ASP D 35 -12.29 -33.49 15.56
N MET D 36 -12.34 -34.27 14.49
CA MET D 36 -13.59 -34.53 13.79
C MET D 36 -13.41 -35.71 12.85
N GLU D 37 -14.51 -36.22 12.35
CA GLU D 37 -14.43 -37.31 11.39
C GLU D 37 -14.27 -36.76 9.97
N LEU D 38 -13.29 -37.30 9.27
CA LEU D 38 -13.07 -37.00 7.87
C LEU D 38 -12.90 -38.35 7.20
N PRO D 39 -13.07 -38.39 5.86
CA PRO D 39 -13.00 -39.71 5.22
C PRO D 39 -11.61 -40.06 4.76
N GLY D 40 -11.44 -41.34 4.43
CA GLY D 40 -10.20 -41.79 3.82
C GLY D 40 -9.17 -42.07 4.87
N ARG D 41 -7.93 -42.18 4.44
CA ARG D 41 -6.86 -42.53 5.37
C ARG D 41 -6.15 -41.27 5.83
N TRP D 42 -5.52 -41.35 6.99
CA TRP D 42 -4.65 -40.25 7.40
C TRP D 42 -3.24 -40.75 7.57
N LYS D 43 -2.31 -39.79 7.62
CA LYS D 43 -0.92 -40.12 7.88
C LYS D 43 -0.38 -39.27 9.04
N PRO D 44 0.68 -39.74 9.71
CA PRO D 44 1.12 -38.98 10.88
C PRO D 44 1.79 -37.68 10.46
N ARG D 45 1.69 -36.67 11.30
CA ARG D 45 2.35 -35.40 11.06
C ARG D 45 2.67 -34.72 12.38
N MET D 46 3.82 -34.07 12.44
CA MET D 46 4.23 -33.30 13.61
C MET D 46 4.27 -31.83 13.22
N ILE D 47 3.53 -30.98 13.93
CA ILE D 47 3.63 -29.52 13.72
C ILE D 47 4.14 -28.81 14.98
N GLY D 48 4.87 -27.72 14.79
CA GLY D 48 5.40 -26.97 15.89
C GLY D 48 4.57 -25.73 16.13
N GLY D 49 3.91 -25.66 17.27
CA GLY D 49 3.17 -24.47 17.62
C GLY D 49 3.96 -23.64 18.61
N ILE D 50 3.29 -22.62 19.13
CA ILE D 50 3.87 -21.76 20.17
C ILE D 50 4.35 -22.57 21.38
N GLY D 51 3.62 -23.63 21.75
CA GLY D 51 3.91 -24.38 22.96
C GLY D 51 4.69 -25.65 22.71
N GLY D 52 5.16 -25.84 21.49
CA GLY D 52 5.94 -27.03 21.15
C GLY D 52 5.27 -27.92 20.11
N PHE D 53 5.83 -29.11 19.92
CA PHE D 53 5.40 -29.98 18.84
C PHE D 53 4.23 -30.86 19.24
N VAL D 54 3.40 -31.22 18.27
CA VAL D 54 2.14 -31.93 18.49
C VAL D 54 1.87 -32.89 17.34
N LYS D 55 1.49 -34.13 17.66
CA LYS D 55 1.07 -35.09 16.65
C LYS D 55 -0.36 -34.83 16.20
N VAL D 56 -0.55 -34.66 14.90
CA VAL D 56 -1.89 -34.48 14.34
C VAL D 56 -2.12 -35.50 13.25
N ARG D 57 -3.38 -35.64 12.84
CA ARG D 57 -3.75 -36.52 11.73
C ARG D 57 -3.78 -35.72 10.43
N GLN D 58 -2.95 -36.13 9.46
CA GLN D 58 -2.93 -35.45 8.18
C GLN D 58 -3.85 -36.12 7.15
N TYR D 59 -4.91 -35.42 6.76
CA TYR D 59 -5.78 -35.87 5.67
C TYR D 59 -5.55 -35.02 4.43
N ASP D 60 -5.39 -35.68 3.28
CA ASP D 60 -5.11 -34.96 2.03
C ASP D 60 -6.34 -34.92 1.14
N GLN D 61 -6.32 -33.99 0.18
CA GLN D 61 -7.41 -33.84 -0.79
C GLN D 61 -8.77 -33.75 -0.13
N ILE D 62 -8.88 -32.93 0.90
CA ILE D 62 -10.14 -32.71 1.61
C ILE D 62 -10.83 -31.45 1.10
N PRO D 63 -12.08 -31.58 0.65
CA PRO D 63 -12.84 -30.41 0.20
C PRO D 63 -13.37 -29.59 1.39
N ILE D 64 -13.29 -28.28 1.29
CA ILE D 64 -13.83 -27.39 2.29
C ILE D 64 -14.46 -26.22 1.56
N GLU D 65 -15.63 -25.78 2.02
CA GLU D 65 -16.22 -24.54 1.52
C GLU D 65 -15.84 -23.42 2.48
N ILE D 66 -15.25 -22.35 1.97
CA ILE D 66 -14.85 -21.22 2.80
C ILE D 66 -15.17 -19.95 2.04
N CYS D 67 -15.90 -19.03 2.67
CA CYS D 67 -16.20 -17.73 2.05
C CYS D 67 -16.90 -17.85 0.68
N GLY D 68 -17.74 -18.86 0.52
CA GLY D 68 -18.45 -19.05 -0.73
C GLY D 68 -17.58 -19.69 -1.79
N HIS D 69 -16.47 -20.28 -1.36
CA HIS D 69 -15.53 -20.90 -2.30
C HIS D 69 -15.11 -22.31 -1.90
N LYS D 70 -15.13 -23.21 -2.88
CA LYS D 70 -14.66 -24.56 -2.65
C LYS D 70 -13.14 -24.60 -2.74
N VAL D 71 -12.48 -25.10 -1.72
CA VAL D 71 -11.06 -25.37 -1.84
C VAL D 71 -10.88 -26.86 -1.56
N ILE D 72 -9.75 -27.42 -2.00
CA ILE D 72 -9.49 -28.84 -1.79
C ILE D 72 -8.03 -29.00 -1.45
N GLY D 73 -7.73 -29.51 -0.27
CA GLY D 73 -6.34 -29.66 0.12
C GLY D 73 -6.16 -30.40 1.42
N THR D 74 -4.99 -30.18 2.02
CA THR D 74 -4.57 -30.93 3.18
C THR D 74 -5.11 -30.30 4.45
N VAL D 75 -5.68 -31.14 5.31
CA VAL D 75 -6.25 -30.67 6.57
C VAL D 75 -5.65 -31.48 7.68
N LEU D 76 -5.09 -30.81 8.67
CA LEU D 76 -4.55 -31.50 9.84
C LEU D 76 -5.61 -31.49 10.94
N VAL D 77 -5.73 -32.61 11.66
CA VAL D 77 -6.72 -32.73 12.71
C VAL D 77 -6.00 -33.07 14.02
N GLY D 78 -6.30 -32.33 15.06
CA GLY D 78 -5.55 -32.47 16.30
C GLY D 78 -5.94 -31.44 17.33
N PRO D 79 -5.35 -31.55 18.52
CA PRO D 79 -5.66 -30.63 19.61
C PRO D 79 -5.19 -29.21 19.30
N THR D 80 -6.13 -28.36 18.92
CA THR D 80 -5.81 -26.97 18.67
C THR D 80 -6.86 -26.15 19.42
N PRO D 81 -6.45 -25.04 20.05
CA PRO D 81 -7.42 -24.18 20.75
C PRO D 81 -8.55 -23.71 19.82
N THR D 82 -8.27 -23.60 18.53
CA THR D 82 -9.28 -23.13 17.60
C THR D 82 -9.01 -23.67 16.21
N ASN D 83 -10.05 -23.79 15.39
CA ASN D 83 -9.86 -24.20 14.01
C ASN D 83 -9.09 -23.09 13.30
N ILE D 84 -8.09 -23.45 12.50
CA ILE D 84 -7.31 -22.40 11.83
C ILE D 84 -7.13 -22.73 10.36
N ILE D 85 -7.32 -21.71 9.52
CA ILE D 85 -7.13 -21.89 8.10
C ILE D 85 -5.80 -21.29 7.77
N GLY D 86 -4.88 -22.15 7.34
CA GLY D 86 -3.51 -21.75 7.10
C GLY D 86 -3.28 -21.32 5.67
N ARG D 87 -2.03 -21.02 5.36
CA ARG D 87 -1.66 -20.50 4.06
C ARG D 87 -1.92 -21.48 2.94
N ASN D 88 -1.88 -22.78 3.24
CA ASN D 88 -2.17 -23.77 2.21
C ASN D 88 -3.57 -23.60 1.61
N LEU D 89 -4.53 -23.20 2.43
CA LEU D 89 -5.89 -23.00 1.93
C LEU D 89 -6.22 -21.55 1.63
N MET D 90 -5.60 -20.61 2.36
CA MET D 90 -5.85 -19.20 2.06
C MET D 90 -5.32 -18.89 0.65
N THR D 91 -4.16 -19.44 0.28
CA THR D 91 -3.67 -19.26 -1.11
C THR D 91 -4.67 -19.75 -2.16
N GLN D 92 -5.35 -20.87 -1.92
CA GLN D 92 -6.43 -21.31 -2.82
C GLN D 92 -7.56 -20.28 -3.00
N LEU D 93 -7.82 -19.48 -1.96
CA LEU D 93 -8.84 -18.45 -2.02
C LEU D 93 -8.30 -17.14 -2.59
N GLY D 94 -6.99 -17.07 -2.83
CA GLY D 94 -6.42 -15.86 -3.39
C GLY D 94 -6.18 -14.76 -2.37
N PHE D 95 -6.12 -15.11 -1.09
CA PHE D 95 -5.87 -14.12 -0.02
C PHE D 95 -4.47 -13.50 -0.12
N THR D 96 -4.41 -12.18 0.07
CA THR D 96 -3.14 -11.48 0.28
C THR D 96 -3.31 -10.53 1.47
N LEU D 97 -2.18 -10.06 1.97
CA LEU D 97 -2.12 -9.04 3.00
C LEU D 97 -1.83 -7.73 2.31
N ASN D 98 -2.54 -6.67 2.71
CA ASN D 98 -2.44 -5.39 2.02
C ASN D 98 -2.39 -4.22 2.98
N PHE D 99 -1.50 -3.28 2.71
CA PHE D 99 -1.54 -2.03 3.44
C PHE D 99 -1.20 -0.86 2.53
#